data_2GDC
#
_entry.id   2GDC
#
_cell.length_a   52.684
_cell.length_b   68.326
_cell.length_c   96.521
_cell.angle_alpha   90.00
_cell.angle_beta   90.00
_cell.angle_gamma   90.00
#
_symmetry.space_group_name_H-M   'P 21 21 2'
#
loop_
_entity.id
_entity.type
_entity.pdbx_description
1 polymer Vinculin
2 polymer 'Invasin ipaA'
3 water water
#
loop_
_entity_poly.entity_id
_entity_poly.type
_entity_poly.pdbx_seq_one_letter_code
_entity_poly.pdbx_strand_id
1 'polypeptide(L)'
;MPVFHTRTIESILEPVAQQISHLVIMHEEGEVDGKAIPDLTAPVSAVQAAVSNLVRVGKETVQTTEDQILKRDMPPAFIK
VENACTKLVRAAQMLQADPYSVPARDYLIDGSRGILSGTSDLLLTFDEAEVRKIIRVCKGILEYLTVAEVVETMEDLVTY
TKNLGPGMTKMAKMIDERQQELTHQEHRVMLVNSMNTVKELLPVLISAMKIFVTTKNTKSQGIEEALKNRNFTVEKMSAE
INEIIRVLQLTSWDEDAWASKDTEAM
;
A
2 'polypeptide(L)' (UNK)(UNK)IY(UNK)(UNK)AK(UNK)V(UNK)(UNK)(UNK)LSKVL(UNK)(UNK)I B
#
# COMPACT_ATOMS: atom_id res chain seq x y z
N PRO A 2 1.95 -16.03 5.64
CA PRO A 2 0.63 -15.59 5.13
C PRO A 2 0.75 -14.93 3.74
N VAL A 3 -0.35 -14.91 2.99
CA VAL A 3 -0.38 -14.43 1.61
C VAL A 3 0.09 -12.99 1.50
N PHE A 4 1.04 -12.71 0.62
CA PHE A 4 1.43 -11.34 0.40
C PHE A 4 0.34 -10.66 -0.44
N HIS A 5 -0.38 -9.71 0.16
CA HIS A 5 -1.28 -8.80 -0.57
C HIS A 5 -0.46 -7.95 -1.54
N THR A 6 -1.01 -7.48 -2.65
CA THR A 6 -0.16 -6.74 -3.63
C THR A 6 0.67 -7.66 -4.52
N ARG A 7 0.36 -7.68 -5.81
CA ARG A 7 1.03 -8.55 -6.77
C ARG A 7 2.56 -8.33 -6.74
N THR A 8 2.99 -7.13 -6.36
CA THR A 8 4.40 -6.70 -6.31
C THR A 8 5.23 -7.26 -5.13
N ILE A 9 4.67 -7.21 -3.92
CA ILE A 9 5.32 -7.75 -2.73
C ILE A 9 5.49 -9.25 -2.90
N GLU A 10 4.45 -9.90 -3.40
CA GLU A 10 4.43 -11.33 -3.74
C GLU A 10 5.54 -11.81 -4.73
N SER A 11 5.78 -11.08 -5.81
CA SER A 11 6.86 -11.47 -6.72
C SER A 11 8.22 -11.30 -6.07
N ILE A 12 8.34 -10.33 -5.17
CA ILE A 12 9.60 -10.11 -4.46
C ILE A 12 9.84 -11.17 -3.41
N LEU A 13 8.84 -11.45 -2.57
CA LEU A 13 9.04 -12.35 -1.44
C LEU A 13 8.59 -13.80 -1.58
N GLU A 14 7.68 -14.12 -2.51
CA GLU A 14 7.19 -15.51 -2.60
C GLU A 14 8.27 -16.53 -2.98
N PRO A 15 9.06 -16.25 -4.04
CA PRO A 15 10.04 -17.28 -4.33
C PRO A 15 10.84 -17.73 -3.10
N VAL A 16 11.36 -16.79 -2.30
CA VAL A 16 12.22 -17.15 -1.16
C VAL A 16 11.43 -17.58 0.11
N ALA A 17 10.18 -17.15 0.24
CA ALA A 17 9.33 -17.61 1.34
C ALA A 17 9.10 -19.10 1.23
N GLN A 18 8.97 -19.60 -0.01
CA GLN A 18 8.81 -21.04 -0.20
C GLN A 18 10.07 -21.79 0.24
N GLN A 19 11.23 -21.45 -0.36
CA GLN A 19 12.53 -22.03 0.00
C GLN A 19 12.77 -22.13 1.51
N ILE A 20 12.49 -21.04 2.22
CA ILE A 20 12.50 -21.07 3.69
C ILE A 20 11.35 -22.00 4.16
N SER A 21 11.44 -23.27 3.78
CA SER A 21 10.61 -24.30 4.37
C SER A 21 11.42 -25.59 4.39
N HIS A 22 12.36 -25.59 5.34
CA HIS A 22 13.06 -26.75 5.88
C HIS A 22 12.37 -27.18 7.17
N GLY A 34 21.39 -33.84 9.25
CA GLY A 34 21.88 -34.19 7.92
C GLY A 34 23.40 -34.35 7.87
N LYS A 35 24.02 -33.80 6.82
CA LYS A 35 25.48 -33.92 6.61
C LYS A 35 26.11 -32.64 6.00
N ALA A 36 26.71 -32.74 4.80
CA ALA A 36 27.60 -31.71 4.22
C ALA A 36 26.94 -30.40 3.71
N ILE A 37 27.47 -29.26 4.16
CA ILE A 37 27.02 -27.92 3.75
C ILE A 37 28.17 -27.21 3.01
N PRO A 38 28.06 -27.05 1.69
CA PRO A 38 29.14 -26.37 0.94
C PRO A 38 29.52 -24.99 1.46
N ASP A 39 30.56 -24.39 0.88
CA ASP A 39 31.16 -23.16 1.39
C ASP A 39 30.44 -21.85 0.94
N LEU A 40 29.62 -21.32 1.84
CA LEU A 40 28.66 -20.27 1.50
C LEU A 40 29.15 -18.82 1.50
N THR A 41 30.46 -18.58 1.62
CA THR A 41 30.95 -17.20 1.79
C THR A 41 30.70 -16.27 0.59
N ALA A 42 30.91 -16.82 -0.60
CA ALA A 42 30.64 -16.10 -1.84
C ALA A 42 29.16 -15.66 -1.94
N PRO A 43 28.22 -16.63 -1.92
CA PRO A 43 26.80 -16.23 -1.93
C PRO A 43 26.35 -15.34 -0.73
N VAL A 44 26.74 -15.69 0.50
CA VAL A 44 26.28 -14.93 1.67
C VAL A 44 26.81 -13.51 1.60
N SER A 45 27.92 -13.36 0.91
CA SER A 45 28.50 -12.06 0.74
C SER A 45 27.70 -11.20 -0.24
N ALA A 46 26.96 -11.82 -1.15
CA ALA A 46 26.11 -11.09 -2.10
C ALA A 46 24.79 -10.66 -1.46
N VAL A 47 24.35 -11.43 -0.47
CA VAL A 47 23.23 -11.04 0.40
C VAL A 47 23.63 -9.79 1.19
N GLN A 48 24.80 -9.86 1.82
CA GLN A 48 25.35 -8.79 2.61
C GLN A 48 25.47 -7.51 1.81
N ALA A 49 25.91 -7.59 0.56
CA ALA A 49 25.98 -6.39 -0.29
C ALA A 49 24.59 -5.84 -0.61
N ALA A 50 23.63 -6.73 -0.86
CA ALA A 50 22.29 -6.28 -1.23
C ALA A 50 21.51 -5.66 -0.06
N VAL A 51 21.76 -6.16 1.14
CA VAL A 51 21.09 -5.67 2.32
C VAL A 51 21.67 -4.36 2.75
N SER A 52 22.97 -4.16 2.51
CA SER A 52 23.57 -2.85 2.70
C SER A 52 22.89 -1.84 1.79
N ASN A 53 22.71 -2.20 0.52
CA ASN A 53 21.99 -1.32 -0.40
C ASN A 53 20.56 -1.04 -0.01
N LEU A 54 19.87 -2.05 0.52
CA LEU A 54 18.49 -1.86 1.01
C LEU A 54 18.42 -0.87 2.16
N VAL A 55 19.22 -1.07 3.20
CA VAL A 55 19.36 -0.10 4.29
C VAL A 55 19.66 1.33 3.78
N ARG A 56 20.51 1.43 2.75
CA ARG A 56 20.86 2.70 2.12
C ARG A 56 19.61 3.39 1.61
N VAL A 57 18.87 2.69 0.76
CA VAL A 57 17.62 3.18 0.19
C VAL A 57 16.60 3.50 1.29
N GLY A 58 16.58 2.69 2.34
CA GLY A 58 15.70 2.90 3.47
C GLY A 58 15.93 4.25 4.10
N LYS A 59 17.11 4.44 4.71
CA LYS A 59 17.55 5.73 5.27
C LYS A 59 17.18 6.94 4.39
N GLU A 60 17.49 6.86 3.09
CA GLU A 60 17.04 7.86 2.10
C GLU A 60 15.53 8.12 2.11
N THR A 61 14.74 7.06 1.92
CA THR A 61 13.29 7.17 1.92
C THR A 61 12.75 7.81 3.22
N VAL A 62 13.49 7.61 4.31
CA VAL A 62 13.14 8.18 5.61
C VAL A 62 13.37 9.70 5.66
N GLN A 63 14.57 10.14 5.28
CA GLN A 63 14.88 11.56 5.29
C GLN A 63 14.11 12.34 4.21
N THR A 64 13.60 11.63 3.21
CA THR A 64 12.94 12.21 2.03
C THR A 64 11.42 12.29 2.13
N THR A 65 10.83 11.56 3.07
CA THR A 65 9.39 11.51 3.17
C THR A 65 8.82 12.59 4.09
N GLU A 66 7.52 12.86 3.93
CA GLU A 66 6.79 13.73 4.86
C GLU A 66 5.78 12.94 5.72
N ASP A 67 5.82 11.62 5.65
CA ASP A 67 4.92 10.74 6.39
C ASP A 67 5.56 10.42 7.75
N GLN A 68 4.91 10.84 8.84
CA GLN A 68 5.42 10.59 10.19
C GLN A 68 5.41 9.12 10.56
N ILE A 69 4.40 8.38 10.10
CA ILE A 69 4.28 6.95 10.39
C ILE A 69 5.43 6.17 9.72
N LEU A 70 5.74 6.54 8.48
CA LEU A 70 6.86 5.92 7.76
C LEU A 70 8.17 6.15 8.46
N LYS A 71 8.42 7.38 8.92
CA LYS A 71 9.61 7.75 9.71
C LYS A 71 9.86 6.88 10.96
N ARG A 72 8.82 6.55 11.73
CA ARG A 72 9.04 5.70 12.93
C ARG A 72 8.96 4.18 12.71
N ASP A 73 8.36 3.74 11.60
CA ASP A 73 8.21 2.30 11.35
C ASP A 73 9.27 1.69 10.44
N MET A 74 9.78 2.44 9.48
CA MET A 74 10.77 1.89 8.52
C MET A 74 12.14 1.54 9.13
N PRO A 75 12.78 2.47 9.86
CA PRO A 75 14.04 2.12 10.53
C PRO A 75 14.05 0.77 11.28
N PRO A 76 13.08 0.51 12.20
CA PRO A 76 13.14 -0.79 12.91
C PRO A 76 13.17 -2.03 11.98
N ALA A 77 12.69 -1.85 10.75
CA ALA A 77 12.73 -2.88 9.73
C ALA A 77 14.12 -3.01 9.10
N PHE A 78 14.81 -1.92 8.72
CA PHE A 78 16.19 -2.08 8.16
C PHE A 78 16.99 -2.84 9.18
N ILE A 79 16.85 -2.43 10.44
CA ILE A 79 17.67 -2.93 11.53
C ILE A 79 17.50 -4.43 11.69
N LYS A 80 16.26 -4.88 11.52
CA LYS A 80 15.90 -6.28 11.69
C LYS A 80 16.54 -7.17 10.62
N VAL A 81 16.47 -6.75 9.36
CA VAL A 81 17.19 -7.45 8.29
C VAL A 81 18.72 -7.24 8.44
N GLU A 82 19.14 -6.12 9.01
CA GLU A 82 20.55 -5.91 9.23
C GLU A 82 21.12 -6.89 10.23
N ASN A 83 20.49 -7.00 11.40
CA ASN A 83 21.00 -7.97 12.36
C ASN A 83 20.80 -9.44 11.85
N ALA A 84 19.83 -9.66 10.96
CA ALA A 84 19.53 -11.01 10.47
C ALA A 84 20.60 -11.44 9.52
N CYS A 85 21.16 -10.45 8.81
CA CYS A 85 22.20 -10.68 7.82
C CYS A 85 23.56 -10.96 8.50
N THR A 86 23.85 -10.20 9.56
CA THR A 86 24.87 -10.56 10.52
C THR A 86 24.89 -12.07 10.91
N LYS A 87 23.73 -12.63 11.32
CA LYS A 87 23.56 -14.07 11.64
C LYS A 87 23.90 -14.98 10.47
N LEU A 88 23.58 -14.54 9.27
CA LEU A 88 23.90 -15.29 8.06
C LEU A 88 25.41 -15.25 7.74
N VAL A 89 26.04 -14.07 7.89
CA VAL A 89 27.47 -13.86 7.60
C VAL A 89 28.30 -14.71 8.55
N ARG A 90 27.86 -14.76 9.82
CA ARG A 90 28.54 -15.54 10.84
C ARG A 90 28.32 -17.04 10.68
N ALA A 91 27.11 -17.46 10.32
CA ALA A 91 26.79 -18.89 10.10
C ALA A 91 27.63 -19.53 9.00
N ALA A 92 27.89 -18.77 7.94
CA ALA A 92 28.82 -19.18 6.91
C ALA A 92 30.21 -19.42 7.48
N GLN A 93 30.82 -18.41 8.11
CA GLN A 93 32.13 -18.54 8.81
C GLN A 93 32.20 -19.89 9.51
N MET A 94 31.24 -20.12 10.39
CA MET A 94 31.17 -21.31 11.21
C MET A 94 31.11 -22.57 10.36
N LEU A 95 30.28 -22.57 9.32
CA LEU A 95 30.05 -23.77 8.51
C LEU A 95 31.26 -24.15 7.68
N GLN A 96 32.05 -23.15 7.32
CA GLN A 96 33.34 -23.39 6.73
C GLN A 96 34.30 -24.20 7.65
N ALA A 97 34.46 -23.77 8.91
CA ALA A 97 35.14 -24.55 9.93
C ALA A 97 34.56 -25.98 10.13
N ASP A 98 33.27 -26.10 10.45
CA ASP A 98 32.65 -27.42 10.55
C ASP A 98 31.32 -27.53 9.77
N PRO A 99 31.39 -28.02 8.51
CA PRO A 99 30.22 -28.26 7.67
C PRO A 99 29.06 -28.99 8.38
N TYR A 100 29.37 -29.68 9.47
CA TYR A 100 28.33 -30.45 10.15
C TYR A 100 27.85 -29.75 11.40
N SER A 101 28.32 -28.52 11.63
CA SER A 101 27.98 -27.77 12.84
C SER A 101 26.49 -27.52 12.93
N VAL A 102 25.87 -27.94 14.04
CA VAL A 102 24.43 -27.78 14.24
C VAL A 102 24.05 -26.34 14.63
N PRO A 103 24.77 -25.74 15.61
CA PRO A 103 24.80 -24.29 15.70
C PRO A 103 24.71 -23.58 14.35
N ALA A 104 25.81 -23.53 13.60
CA ALA A 104 25.83 -22.87 12.30
C ALA A 104 24.58 -23.12 11.45
N ARG A 105 24.12 -24.37 11.40
CA ARG A 105 22.89 -24.72 10.69
C ARG A 105 21.74 -23.78 11.09
N ASP A 106 21.57 -23.56 12.39
CA ASP A 106 20.49 -22.74 12.91
C ASP A 106 20.63 -21.26 12.66
N TYR A 107 21.86 -20.74 12.68
CA TYR A 107 22.05 -19.32 12.41
C TYR A 107 21.62 -19.02 11.00
N LEU A 108 22.01 -19.90 10.09
CA LEU A 108 21.59 -19.82 8.71
C LEU A 108 20.07 -19.78 8.61
N ILE A 109 19.40 -20.69 9.30
CA ILE A 109 17.92 -20.74 9.30
C ILE A 109 17.32 -19.44 9.85
N ASP A 110 17.69 -19.07 11.07
CA ASP A 110 17.15 -17.85 11.67
C ASP A 110 17.57 -16.63 10.90
N GLY A 111 18.84 -16.64 10.47
CA GLY A 111 19.37 -15.61 9.59
C GLY A 111 18.49 -15.37 8.38
N SER A 112 18.11 -16.43 7.67
CA SER A 112 17.28 -16.27 6.48
C SER A 112 15.91 -15.82 6.89
N ARG A 113 15.37 -16.44 7.94
CA ARG A 113 14.05 -16.13 8.44
C ARG A 113 13.96 -14.66 8.79
N GLY A 114 14.98 -14.16 9.46
CA GLY A 114 14.99 -12.74 9.84
C GLY A 114 14.98 -11.83 8.62
N ILE A 115 15.65 -12.29 7.54
CA ILE A 115 15.80 -11.49 6.35
C ILE A 115 14.46 -11.44 5.65
N LEU A 116 13.78 -12.57 5.58
CA LEU A 116 12.42 -12.57 5.04
C LEU A 116 11.45 -11.65 5.80
N SER A 117 11.42 -11.74 7.14
CA SER A 117 10.55 -10.91 7.96
C SER A 117 10.81 -9.43 7.80
N GLY A 118 12.03 -9.00 8.08
CA GLY A 118 12.39 -7.60 7.97
C GLY A 118 12.04 -7.01 6.62
N THR A 119 12.43 -7.69 5.53
CA THR A 119 12.11 -7.18 4.19
C THR A 119 10.63 -7.00 4.01
N SER A 120 9.88 -8.06 4.32
CA SER A 120 8.44 -8.01 4.35
C SER A 120 7.90 -6.82 5.18
N ASP A 121 8.30 -6.70 6.45
CA ASP A 121 7.96 -5.56 7.31
C ASP A 121 8.22 -4.25 6.57
N LEU A 122 9.46 -4.08 6.11
CA LEU A 122 9.85 -2.88 5.38
C LEU A 122 8.88 -2.51 4.26
N LEU A 123 8.47 -3.50 3.48
CA LEU A 123 7.53 -3.30 2.39
C LEU A 123 6.08 -3.06 2.84
N LEU A 124 5.64 -3.78 3.88
CA LEU A 124 4.33 -3.55 4.49
C LEU A 124 4.26 -2.10 4.98
N THR A 125 5.38 -1.60 5.47
CA THR A 125 5.46 -0.25 5.96
C THR A 125 5.43 0.76 4.83
N PHE A 126 6.16 0.47 3.75
CA PHE A 126 6.16 1.32 2.59
C PHE A 126 4.80 1.33 1.85
N ASP A 127 4.12 0.17 1.85
CA ASP A 127 2.80 0.05 1.23
C ASP A 127 1.76 0.88 1.96
N GLU A 128 1.83 0.90 3.28
CA GLU A 128 0.97 1.77 4.07
C GLU A 128 1.16 3.24 3.72
N ALA A 129 2.40 3.69 3.58
CA ALA A 129 2.65 5.04 3.09
C ALA A 129 1.82 5.34 1.84
N GLU A 130 1.97 4.53 0.77
CA GLU A 130 1.20 4.74 -0.48
C GLU A 130 -0.34 4.75 -0.27
N VAL A 131 -0.84 3.93 0.64
CA VAL A 131 -2.26 3.90 0.92
C VAL A 131 -2.77 5.20 1.53
N ARG A 132 -1.95 5.85 2.36
CA ARG A 132 -2.35 7.12 2.98
C ARG A 132 -2.52 8.23 1.94
N LYS A 133 -1.56 8.34 1.03
CA LYS A 133 -1.64 9.20 -0.15
C LYS A 133 -3.00 9.06 -0.87
N ILE A 134 -3.37 7.81 -1.18
CA ILE A 134 -4.65 7.46 -1.76
C ILE A 134 -5.81 7.86 -0.85
N ILE A 135 -5.67 7.57 0.43
CA ILE A 135 -6.72 7.88 1.39
C ILE A 135 -7.00 9.37 1.40
N ARG A 136 -5.97 10.15 1.10
CA ARG A 136 -6.08 11.58 1.26
C ARG A 136 -6.78 12.19 0.03
N VAL A 137 -6.56 11.57 -1.13
CA VAL A 137 -7.30 11.85 -2.35
C VAL A 137 -8.81 11.68 -2.07
N CYS A 138 -9.20 10.55 -1.48
CA CYS A 138 -10.57 10.33 -1.07
C CYS A 138 -11.05 11.41 -0.12
N LYS A 139 -10.31 11.69 0.95
CA LYS A 139 -10.80 12.64 1.95
C LYS A 139 -11.06 14.00 1.32
N GLY A 140 -10.30 14.33 0.28
CA GLY A 140 -10.50 15.55 -0.49
C GLY A 140 -11.87 15.63 -1.15
N ILE A 141 -12.28 14.55 -1.80
CA ILE A 141 -13.63 14.42 -2.36
C ILE A 141 -14.71 14.45 -1.27
N LEU A 142 -14.41 13.86 -0.12
CA LEU A 142 -15.34 13.84 1.01
C LEU A 142 -15.57 15.25 1.55
N GLU A 143 -14.48 16.01 1.71
CA GLU A 143 -14.55 17.43 2.08
C GLU A 143 -15.49 18.15 1.11
N TYR A 144 -15.19 18.03 -0.17
CA TYR A 144 -15.84 18.84 -1.18
C TYR A 144 -17.32 18.46 -1.34
N LEU A 145 -17.68 17.25 -0.94
CA LEU A 145 -19.11 16.94 -0.89
C LEU A 145 -19.86 17.74 0.20
N THR A 146 -19.23 17.99 1.36
CA THR A 146 -19.88 18.75 2.44
C THR A 146 -20.19 20.19 2.05
N VAL A 147 -19.54 20.67 0.98
CA VAL A 147 -19.72 22.05 0.51
C VAL A 147 -20.95 22.15 -0.42
N ALA A 148 -21.47 21.01 -0.86
CA ALA A 148 -22.64 20.96 -1.73
C ALA A 148 -23.83 21.78 -1.20
N GLU A 149 -24.09 21.70 0.11
CA GLU A 149 -25.25 22.37 0.73
C GLU A 149 -25.24 23.91 0.65
N VAL A 150 -24.12 24.52 0.25
CA VAL A 150 -24.04 25.98 0.21
C VAL A 150 -24.24 26.54 -1.18
N VAL A 151 -24.38 25.69 -2.19
CA VAL A 151 -24.58 26.22 -3.53
C VAL A 151 -26.04 26.62 -3.63
N GLU A 152 -26.27 27.90 -3.92
CA GLU A 152 -27.61 28.48 -4.04
C GLU A 152 -27.91 29.20 -5.34
N THR A 153 -26.90 29.78 -5.99
CA THR A 153 -27.08 30.34 -7.33
C THR A 153 -26.75 29.31 -8.41
N MET A 154 -27.12 29.62 -9.65
CA MET A 154 -26.92 28.70 -10.74
C MET A 154 -25.47 28.80 -11.27
N GLU A 155 -24.84 29.96 -11.09
CA GLU A 155 -23.43 30.11 -11.48
C GLU A 155 -22.45 29.57 -10.42
N ASP A 156 -22.90 29.42 -9.19
CA ASP A 156 -22.06 28.78 -8.19
C ASP A 156 -22.04 27.27 -8.38
N LEU A 157 -23.09 26.71 -8.99
CA LEU A 157 -23.13 25.29 -9.28
C LEU A 157 -22.13 24.95 -10.37
N VAL A 158 -21.94 25.89 -11.29
CA VAL A 158 -20.98 25.77 -12.39
C VAL A 158 -19.55 25.75 -11.86
N THR A 159 -19.24 26.63 -10.90
CA THR A 159 -17.97 26.60 -10.19
C THR A 159 -17.74 25.21 -9.62
N TYR A 160 -18.69 24.75 -8.82
CA TYR A 160 -18.67 23.44 -8.18
C TYR A 160 -18.38 22.28 -9.13
N THR A 161 -19.27 22.05 -10.09
CA THR A 161 -19.06 21.01 -11.11
C THR A 161 -17.66 21.04 -11.73
N LYS A 162 -17.16 22.24 -11.99
CA LYS A 162 -15.84 22.43 -12.57
C LYS A 162 -14.73 21.83 -11.67
N ASN A 163 -14.80 22.06 -10.36
CA ASN A 163 -13.79 21.50 -9.44
C ASN A 163 -13.97 20.02 -9.11
N LEU A 164 -15.21 19.58 -8.84
CA LEU A 164 -15.51 18.20 -8.44
C LEU A 164 -15.48 17.22 -9.59
N GLY A 165 -15.79 17.72 -10.78
CA GLY A 165 -15.79 16.90 -11.99
C GLY A 165 -14.47 16.15 -12.12
N PRO A 166 -13.40 16.86 -12.56
CA PRO A 166 -11.99 16.40 -12.54
C PRO A 166 -11.49 15.74 -11.26
N GLY A 167 -11.96 16.20 -10.10
CA GLY A 167 -11.60 15.56 -8.82
C GLY A 167 -12.08 14.10 -8.70
N MET A 168 -13.33 13.85 -9.09
CA MET A 168 -13.86 12.51 -9.09
C MET A 168 -13.06 11.64 -10.06
N THR A 169 -12.79 12.19 -11.23
CA THR A 169 -11.97 11.53 -12.23
C THR A 169 -10.64 11.04 -11.65
N LYS A 170 -9.82 11.93 -11.10
CA LYS A 170 -8.53 11.57 -10.48
C LYS A 170 -8.67 10.42 -9.47
N MET A 171 -9.66 10.52 -8.57
CA MET A 171 -9.97 9.45 -7.60
C MET A 171 -10.26 8.14 -8.28
N ALA A 172 -11.12 8.17 -9.28
CA ALA A 172 -11.49 6.95 -9.95
C ALA A 172 -10.27 6.23 -10.54
N LYS A 173 -9.39 6.98 -11.22
CA LYS A 173 -8.26 6.41 -11.98
C LYS A 173 -7.28 5.79 -11.03
N MET A 174 -7.17 6.40 -9.88
CA MET A 174 -6.20 6.00 -8.92
C MET A 174 -6.66 4.83 -8.02
N ILE A 175 -7.96 4.73 -7.78
CA ILE A 175 -8.50 3.59 -7.02
C ILE A 175 -8.41 2.39 -7.94
N ASP A 176 -8.73 2.62 -9.21
CA ASP A 176 -8.70 1.61 -10.24
C ASP A 176 -7.31 1.01 -10.31
N GLU A 177 -6.30 1.87 -10.40
CA GLU A 177 -4.92 1.38 -10.52
C GLU A 177 -4.48 0.66 -9.28
N ARG A 178 -5.09 1.01 -8.14
CA ARG A 178 -4.77 0.37 -6.85
C ARG A 178 -5.35 -1.04 -6.74
N GLN A 179 -6.62 -1.20 -7.08
CA GLN A 179 -7.24 -2.51 -6.96
C GLN A 179 -6.55 -3.61 -7.80
N GLN A 180 -6.14 -3.26 -9.03
CA GLN A 180 -5.44 -4.21 -9.92
C GLN A 180 -4.22 -4.84 -9.25
N GLU A 181 -3.73 -4.19 -8.19
CA GLU A 181 -2.54 -4.60 -7.49
C GLU A 181 -2.80 -5.61 -6.38
N LEU A 182 -3.97 -5.57 -5.77
CA LEU A 182 -4.23 -6.45 -4.65
C LEU A 182 -4.34 -7.89 -5.09
N THR A 183 -3.87 -8.81 -4.24
CA THR A 183 -3.88 -10.24 -4.54
C THR A 183 -5.03 -10.93 -3.83
N HIS A 184 -5.85 -10.17 -3.08
CA HIS A 184 -7.12 -10.68 -2.53
C HIS A 184 -8.27 -10.27 -3.46
N GLN A 185 -9.24 -11.16 -3.66
CA GLN A 185 -10.23 -10.90 -4.71
C GLN A 185 -11.45 -10.18 -4.17
N GLU A 186 -11.96 -10.61 -3.03
CA GLU A 186 -13.10 -9.92 -2.42
C GLU A 186 -12.80 -8.43 -2.22
N HIS A 187 -11.60 -8.12 -1.71
CA HIS A 187 -11.12 -6.74 -1.54
C HIS A 187 -11.14 -5.99 -2.85
N ARG A 188 -10.69 -6.64 -3.91
CA ARG A 188 -10.68 -6.02 -5.21
C ARG A 188 -12.12 -5.70 -5.66
N VAL A 189 -13.06 -6.59 -5.35
CA VAL A 189 -14.44 -6.41 -5.83
C VAL A 189 -15.18 -5.37 -5.01
N MET A 190 -14.86 -5.28 -3.73
CA MET A 190 -15.47 -4.27 -2.90
C MET A 190 -15.09 -2.87 -3.35
N LEU A 191 -13.82 -2.70 -3.75
CA LEU A 191 -13.38 -1.37 -4.17
C LEU A 191 -14.13 -0.98 -5.43
N VAL A 192 -14.05 -1.86 -6.43
CA VAL A 192 -14.63 -1.59 -7.75
C VAL A 192 -16.11 -1.20 -7.66
N ASN A 193 -16.91 -1.99 -6.96
CA ASN A 193 -18.30 -1.62 -6.71
C ASN A 193 -18.42 -0.22 -6.14
N SER A 194 -17.72 0.05 -5.05
CA SER A 194 -17.82 1.36 -4.37
C SER A 194 -17.43 2.57 -5.24
N MET A 195 -16.38 2.42 -6.05
CA MET A 195 -16.01 3.45 -7.01
C MET A 195 -17.07 3.63 -8.12
N ASN A 196 -17.70 2.53 -8.55
CA ASN A 196 -18.81 2.60 -9.49
C ASN A 196 -20.03 3.33 -8.90
N THR A 197 -20.49 2.91 -7.73
CA THR A 197 -21.59 3.60 -7.05
C THR A 197 -21.34 5.14 -7.03
N VAL A 198 -20.18 5.55 -6.52
CA VAL A 198 -19.86 6.98 -6.40
C VAL A 198 -19.90 7.69 -7.78
N LYS A 199 -19.39 7.04 -8.82
CA LYS A 199 -19.37 7.61 -10.18
C LYS A 199 -20.76 7.76 -10.83
N GLU A 200 -21.62 6.78 -10.60
CA GLU A 200 -23.00 6.80 -11.02
C GLU A 200 -23.70 7.93 -10.31
N LEU A 201 -23.35 8.13 -9.04
CA LEU A 201 -24.05 9.06 -8.19
C LEU A 201 -23.68 10.52 -8.40
N LEU A 202 -22.65 10.78 -9.19
CA LEU A 202 -22.23 12.17 -9.41
C LEU A 202 -23.28 12.92 -10.21
N PRO A 203 -23.64 12.45 -11.43
CA PRO A 203 -24.68 13.19 -12.18
C PRO A 203 -26.01 13.33 -11.41
N VAL A 204 -26.34 12.33 -10.60
CA VAL A 204 -27.51 12.38 -9.72
C VAL A 204 -27.40 13.61 -8.77
N LEU A 205 -26.26 13.78 -8.11
CA LEU A 205 -26.03 14.93 -7.24
C LEU A 205 -26.12 16.27 -7.97
N ILE A 206 -25.40 16.40 -9.09
CA ILE A 206 -25.55 17.60 -9.89
C ILE A 206 -27.03 17.84 -10.24
N SER A 207 -27.70 16.89 -10.85
CA SER A 207 -29.11 17.07 -11.14
C SER A 207 -29.88 17.51 -9.90
N ALA A 208 -29.58 16.89 -8.74
CA ALA A 208 -30.20 17.23 -7.45
C ALA A 208 -30.00 18.69 -7.10
N MET A 209 -28.76 19.17 -7.28
CA MET A 209 -28.40 20.55 -6.98
C MET A 209 -29.08 21.49 -7.97
N LYS A 210 -28.92 21.18 -9.24
CA LYS A 210 -29.58 21.91 -10.30
C LYS A 210 -31.05 22.09 -9.97
N ILE A 211 -31.69 21.09 -9.37
CA ILE A 211 -33.11 21.19 -9.00
C ILE A 211 -33.28 22.14 -7.81
N PHE A 212 -32.47 21.97 -6.78
CA PHE A 212 -32.51 22.84 -5.60
C PHE A 212 -32.42 24.29 -6.02
N VAL A 213 -31.33 24.63 -6.72
CA VAL A 213 -31.04 25.99 -7.17
C VAL A 213 -32.19 26.62 -7.95
N THR A 214 -32.81 25.83 -8.82
CA THR A 214 -33.95 26.30 -9.61
C THR A 214 -35.18 26.52 -8.73
N THR A 215 -35.44 25.56 -7.86
CA THR A 215 -36.56 25.63 -6.94
C THR A 215 -36.35 26.80 -5.98
N LYS A 216 -35.11 27.06 -5.59
CA LYS A 216 -34.84 28.26 -4.81
C LYS A 216 -35.15 29.51 -5.64
N ASN A 217 -34.35 29.80 -6.67
CA ASN A 217 -34.45 31.03 -7.47
C ASN A 217 -35.83 31.26 -8.13
N THR A 218 -36.82 30.48 -7.70
CA THR A 218 -38.19 30.54 -8.25
C THR A 218 -39.26 30.46 -7.14
N LYS A 219 -38.88 29.92 -5.98
CA LYS A 219 -39.73 29.81 -4.75
C LYS A 219 -41.05 29.01 -4.92
N SER A 220 -40.95 27.69 -4.70
CA SER A 220 -41.97 26.73 -5.19
C SER A 220 -42.26 25.55 -4.25
N GLN A 221 -42.14 25.80 -2.94
CA GLN A 221 -42.46 24.83 -1.86
C GLN A 221 -41.83 23.42 -1.87
N GLY A 222 -41.81 22.78 -3.05
CA GLY A 222 -41.08 21.52 -3.25
C GLY A 222 -39.57 21.60 -3.03
N ILE A 223 -39.14 22.65 -2.32
CA ILE A 223 -37.74 22.85 -1.94
C ILE A 223 -37.36 22.03 -0.69
N GLU A 224 -38.37 21.66 0.11
CA GLU A 224 -38.17 20.77 1.23
C GLU A 224 -37.68 19.44 0.64
N GLU A 225 -38.35 19.04 -0.44
CA GLU A 225 -38.11 17.81 -1.16
C GLU A 225 -36.74 17.75 -1.83
N ALA A 226 -36.42 18.80 -2.59
CA ALA A 226 -35.17 18.92 -3.33
C ALA A 226 -33.94 18.88 -2.43
N LEU A 227 -34.03 19.58 -1.30
CA LEU A 227 -32.96 19.68 -0.35
C LEU A 227 -32.63 18.33 0.30
N LYS A 228 -33.63 17.44 0.37
CA LYS A 228 -33.38 16.19 1.07
C LYS A 228 -32.94 15.08 0.13
N ASN A 229 -33.37 15.16 -1.13
CA ASN A 229 -32.74 14.31 -2.12
C ASN A 229 -31.27 14.69 -2.35
N ARG A 230 -30.97 15.98 -2.34
CA ARG A 230 -29.59 16.43 -2.42
C ARG A 230 -28.81 15.82 -1.28
N ASN A 231 -29.34 15.96 -0.08
CA ASN A 231 -28.68 15.45 1.10
C ASN A 231 -28.58 13.94 1.10
N PHE A 232 -29.59 13.28 0.56
CA PHE A 232 -29.54 11.83 0.61
C PHE A 232 -28.41 11.37 -0.30
N THR A 233 -28.24 12.08 -1.41
CA THR A 233 -27.22 11.73 -2.37
C THR A 233 -25.86 12.02 -1.80
N VAL A 234 -25.70 13.12 -1.07
CA VAL A 234 -24.40 13.42 -0.48
C VAL A 234 -24.05 12.31 0.53
N GLU A 235 -25.05 11.91 1.31
CA GLU A 235 -24.85 10.89 2.31
C GLU A 235 -24.48 9.55 1.67
N LYS A 236 -25.17 9.16 0.61
CA LYS A 236 -24.89 7.86 -0.01
C LYS A 236 -23.49 7.86 -0.61
N MET A 237 -23.10 8.98 -1.21
CA MET A 237 -21.74 9.10 -1.75
C MET A 237 -20.71 9.07 -0.65
N SER A 238 -20.97 9.75 0.47
CA SER A 238 -20.03 9.73 1.59
C SER A 238 -19.94 8.33 2.22
N ALA A 239 -21.08 7.68 2.43
CA ALA A 239 -21.07 6.33 3.04
C ALA A 239 -20.15 5.37 2.27
N GLU A 240 -20.19 5.47 0.95
CA GLU A 240 -19.37 4.67 0.05
C GLU A 240 -17.89 5.02 0.11
N ILE A 241 -17.54 6.31 0.08
CA ILE A 241 -16.14 6.73 0.09
C ILE A 241 -15.44 6.28 1.37
N ASN A 242 -16.18 6.31 2.48
CA ASN A 242 -15.64 5.79 3.73
C ASN A 242 -15.41 4.32 3.66
N GLU A 243 -16.29 3.65 2.94
CA GLU A 243 -16.11 2.24 2.68
C GLU A 243 -14.87 1.97 1.81
N ILE A 244 -14.64 2.77 0.78
CA ILE A 244 -13.38 2.69 0.01
C ILE A 244 -12.13 2.82 0.92
N ILE A 245 -12.14 3.83 1.78
CA ILE A 245 -11.09 4.05 2.75
C ILE A 245 -10.90 2.82 3.63
N ARG A 246 -11.97 2.22 4.13
CA ARG A 246 -11.82 1.08 5.03
C ARG A 246 -11.10 -0.05 4.31
N VAL A 247 -11.69 -0.49 3.21
CA VAL A 247 -11.14 -1.55 2.36
C VAL A 247 -9.66 -1.32 1.96
N LEU A 248 -9.32 -0.08 1.65
CA LEU A 248 -7.93 0.26 1.29
C LEU A 248 -6.87 -0.23 2.28
N GLN A 249 -7.30 -0.53 3.50
CA GLN A 249 -6.40 -0.78 4.60
C GLN A 249 -6.24 -2.25 4.96
N LEU A 250 -6.66 -3.14 4.05
CA LEU A 250 -6.64 -4.60 4.29
C LEU A 250 -5.60 -5.36 3.43
N UNK B 1 9.27 2.42 -6.90
CA UNK B 1 10.37 3.13 -6.15
C UNK B 1 11.67 2.30 -6.17
N UNK B 2 12.78 2.92 -5.77
CA UNK B 2 14.04 2.21 -5.62
C UNK B 2 13.95 1.06 -4.57
N ILE B 3 13.03 1.22 -3.61
CA ILE B 3 12.82 0.26 -2.52
C ILE B 3 12.54 -1.16 -2.99
N TYR B 4 11.67 -1.26 -4.00
CA TYR B 4 11.27 -2.51 -4.58
C TYR B 4 12.44 -3.25 -5.25
N UNK B 5 13.21 -2.55 -6.09
CA UNK B 5 14.39 -3.15 -6.74
C UNK B 5 15.48 -3.63 -5.73
N UNK B 6 15.82 -2.78 -4.75
CA UNK B 6 16.72 -3.21 -3.66
C UNK B 6 16.21 -4.47 -2.90
N ALA B 7 14.93 -4.51 -2.54
CA ALA B 7 14.36 -5.66 -1.81
C ALA B 7 14.47 -6.91 -2.63
N LYS B 8 14.18 -6.79 -3.93
CA LYS B 8 14.30 -7.90 -4.89
C LYS B 8 15.76 -8.40 -5.00
N UNK B 9 16.72 -7.46 -5.01
CA UNK B 9 18.13 -7.84 -5.01
C UNK B 9 18.53 -8.57 -3.71
N VAL B 10 17.91 -8.26 -2.57
CA VAL B 10 18.13 -9.11 -1.37
C VAL B 10 17.39 -10.45 -1.46
N UNK B 11 16.14 -10.44 -1.93
CA UNK B 11 15.39 -11.70 -2.13
C UNK B 11 16.15 -12.64 -3.05
N UNK B 12 16.65 -12.14 -4.19
CA UNK B 12 17.41 -12.99 -5.15
C UNK B 12 18.67 -13.56 -4.50
N UNK B 13 19.54 -12.67 -4.03
CA UNK B 13 20.76 -13.06 -3.32
C UNK B 13 20.45 -14.19 -2.35
N LEU B 14 19.47 -13.98 -1.46
CA LEU B 14 19.15 -14.99 -0.45
C LEU B 14 18.77 -16.35 -1.02
N SER B 15 17.92 -16.36 -2.04
CA SER B 15 17.60 -17.56 -2.83
C SER B 15 18.81 -18.35 -3.27
N LYS B 16 19.82 -17.64 -3.79
CA LYS B 16 21.06 -18.30 -4.24
C LYS B 16 21.81 -18.97 -3.10
N VAL B 17 21.78 -18.38 -1.91
CA VAL B 17 22.34 -19.08 -0.76
C VAL B 17 21.56 -20.36 -0.54
N LEU B 18 20.25 -20.25 -0.35
CA LEU B 18 19.42 -21.43 -0.07
C LEU B 18 19.44 -22.50 -1.16
N UNK B 19 19.48 -22.11 -2.43
CA UNK B 19 19.52 -23.09 -3.51
C UNK B 19 20.84 -23.87 -3.50
N UNK B 20 21.77 -23.52 -2.59
CA UNK B 20 23.04 -24.25 -2.43
C UNK B 20 23.00 -25.40 -1.37
N ILE B 21 21.91 -25.52 -0.62
CA ILE B 21 21.64 -26.72 0.18
C ILE B 21 20.78 -27.75 -0.61
#